data_2LI3
#
_entry.id   2LI3
#
_entity_poly.entity_id   1
_entity_poly.type   'polypeptide(L)'
_entity_poly.pdbx_seq_one_letter_code
;GSGCMPEYCAGQCRGKVSQDYCLKNCRCIR
;
_entity_poly.pdbx_strand_id   A
#
# COMPACT_ATOMS: atom_id res chain seq x y z
N GLY A 1 1.91 -5.91 7.26
CA GLY A 1 1.08 -7.00 6.71
C GLY A 1 1.92 -8.05 6.00
N SER A 2 1.27 -8.96 5.27
CA SER A 2 1.91 -9.99 4.42
C SER A 2 1.31 -10.03 3.01
N GLY A 3 2.16 -10.25 2.01
CA GLY A 3 1.84 -10.26 0.57
C GLY A 3 2.27 -9.01 -0.20
N CYS A 4 2.96 -8.08 0.48
CA CYS A 4 3.43 -6.81 -0.05
C CYS A 4 4.41 -6.15 0.95
N MET A 5 5.56 -5.70 0.44
CA MET A 5 6.51 -4.90 1.20
C MET A 5 6.14 -3.40 1.23
N PRO A 6 6.44 -2.65 2.32
CA PRO A 6 6.12 -1.22 2.42
C PRO A 6 6.61 -0.34 1.26
N GLU A 7 7.80 -0.62 0.72
CA GLU A 7 8.40 0.06 -0.43
C GLU A 7 7.64 -0.15 -1.75
N TYR A 8 6.98 -1.30 -1.91
CA TYR A 8 6.07 -1.54 -3.04
C TYR A 8 4.79 -0.72 -2.88
N CYS A 9 4.20 -0.67 -1.67
CA CYS A 9 2.98 0.09 -1.42
C CYS A 9 3.17 1.60 -1.65
N ALA A 10 4.10 2.23 -0.93
CA ALA A 10 4.24 3.69 -0.96
C ALA A 10 4.89 4.22 -2.25
N GLY A 11 5.69 3.41 -2.95
CA GLY A 11 6.34 3.79 -4.21
C GLY A 11 5.37 4.08 -5.37
N GLN A 12 4.12 3.58 -5.30
CA GLN A 12 3.10 3.79 -6.33
C GLN A 12 1.70 4.23 -5.84
N CYS A 13 1.28 3.83 -4.64
CA CYS A 13 -0.03 4.19 -4.08
C CYS A 13 0.05 5.50 -3.28
N ARG A 14 -0.87 6.44 -3.54
CA ARG A 14 -0.76 7.84 -3.10
C ARG A 14 -1.00 8.06 -1.61
N GLY A 15 -0.43 9.12 -1.08
CA GLY A 15 -0.86 9.75 0.18
C GLY A 15 -0.39 8.97 1.40
N LYS A 16 -1.31 8.64 2.32
CA LYS A 16 -1.04 7.83 3.51
C LYS A 16 -2.12 6.79 3.81
N VAL A 17 -3.39 7.05 3.48
CA VAL A 17 -4.53 6.10 3.63
C VAL A 17 -4.44 4.94 2.63
N SER A 18 -4.19 5.21 1.34
CA SER A 18 -4.02 4.15 0.33
C SER A 18 -2.80 3.28 0.65
N GLN A 19 -1.70 3.93 1.06
CA GLN A 19 -0.52 3.24 1.60
C GLN A 19 -0.88 2.35 2.79
N ASP A 20 -1.64 2.86 3.78
CA ASP A 20 -2.05 2.13 4.99
C ASP A 20 -3.01 0.96 4.70
N TYR A 21 -3.79 0.99 3.62
CA TYR A 21 -4.59 -0.16 3.17
C TYR A 21 -3.66 -1.26 2.65
N CYS A 22 -2.57 -0.89 1.98
CA CYS A 22 -1.58 -1.84 1.50
C CYS A 22 -0.72 -2.37 2.66
N LEU A 23 -0.29 -1.52 3.60
CA LEU A 23 0.49 -1.95 4.77
C LEU A 23 -0.27 -2.97 5.64
N LYS A 24 -1.57 -2.74 5.89
CA LYS A 24 -2.37 -3.67 6.71
C LYS A 24 -2.81 -4.93 5.94
N ASN A 25 -3.17 -4.77 4.66
CA ASN A 25 -4.07 -5.71 3.97
C ASN A 25 -3.72 -5.96 2.48
N CYS A 26 -2.65 -5.35 1.97
CA CYS A 26 -2.11 -5.47 0.61
C CYS A 26 -3.09 -5.14 -0.55
N ARG A 27 -3.90 -4.08 -0.39
CA ARG A 27 -4.74 -3.46 -1.44
C ARG A 27 -4.52 -1.95 -1.49
N CYS A 28 -4.83 -1.29 -2.61
CA CYS A 28 -4.79 0.17 -2.70
C CYS A 28 -6.20 0.76 -2.97
N ILE A 29 -6.49 1.87 -2.28
CA ILE A 29 -7.83 2.47 -2.13
C ILE A 29 -8.26 3.29 -3.35
N ARG A 30 -9.58 3.50 -3.53
CA ARG A 30 -10.13 4.27 -4.65
C ARG A 30 -9.82 5.77 -4.59
N GLY A 1 6.87 -7.01 -8.57
CA GLY A 1 6.24 -7.07 -7.25
C GLY A 1 6.66 -8.32 -6.53
N SER A 2 7.23 -8.18 -5.32
CA SER A 2 7.83 -9.27 -4.53
C SER A 2 7.35 -9.33 -3.06
N GLY A 3 6.31 -8.56 -2.72
CA GLY A 3 5.68 -8.53 -1.39
C GLY A 3 5.02 -7.19 -1.07
N CYS A 4 4.13 -7.18 -0.08
CA CYS A 4 3.34 -6.01 0.37
C CYS A 4 4.17 -5.04 1.25
N MET A 5 5.31 -4.61 0.73
CA MET A 5 6.31 -3.78 1.40
C MET A 5 5.93 -2.29 1.34
N PRO A 6 6.21 -1.47 2.37
CA PRO A 6 5.83 -0.05 2.37
C PRO A 6 6.41 0.77 1.20
N GLU A 7 7.61 0.44 0.72
CA GLU A 7 8.27 1.06 -0.44
C GLU A 7 7.62 0.71 -1.80
N TYR A 8 6.87 -0.38 -1.86
CA TYR A 8 5.99 -0.76 -2.96
C TYR A 8 4.62 -0.08 -2.82
N CYS A 9 4.03 -0.11 -1.62
CA CYS A 9 2.71 0.47 -1.35
C CYS A 9 2.65 1.99 -1.63
N ALA A 10 3.61 2.77 -1.12
CA ALA A 10 3.74 4.20 -1.44
C ALA A 10 4.38 4.48 -2.81
N GLY A 11 4.93 3.45 -3.47
CA GLY A 11 5.42 3.50 -4.84
C GLY A 11 4.31 3.41 -5.89
N GLN A 12 3.22 2.68 -5.61
CA GLN A 12 2.07 2.53 -6.52
C GLN A 12 0.89 3.46 -6.20
N CYS A 13 0.80 3.99 -4.98
CA CYS A 13 -0.32 4.81 -4.50
C CYS A 13 0.14 6.12 -3.84
N ARG A 14 -0.64 7.19 -4.02
CA ARG A 14 -0.54 8.49 -3.34
C ARG A 14 -1.57 8.58 -2.22
N GLY A 15 -1.40 9.52 -1.28
CA GLY A 15 -2.29 9.69 -0.13
C GLY A 15 -1.78 8.95 1.11
N LYS A 16 -2.66 8.40 1.96
CA LYS A 16 -2.27 7.88 3.28
C LYS A 16 -2.97 6.58 3.69
N VAL A 17 -4.31 6.55 3.66
CA VAL A 17 -5.10 5.33 3.94
C VAL A 17 -4.96 4.31 2.81
N SER A 18 -4.78 4.80 1.57
CA SER A 18 -4.39 4.02 0.39
C SER A 18 -3.10 3.24 0.62
N GLN A 19 -2.03 3.92 1.04
CA GLN A 19 -0.73 3.34 1.35
C GLN A 19 -0.82 2.34 2.52
N ASP A 20 -1.56 2.69 3.57
CA ASP A 20 -1.68 1.91 4.82
C ASP A 20 -2.55 0.66 4.67
N TYR A 21 -3.55 0.64 3.78
CA TYR A 21 -4.33 -0.57 3.49
C TYR A 21 -3.46 -1.64 2.85
N CYS A 22 -2.44 -1.23 2.09
CA CYS A 22 -1.48 -2.14 1.48
C CYS A 22 -0.56 -2.79 2.53
N LEU A 23 -0.34 -2.14 3.69
CA LEU A 23 0.45 -2.71 4.79
C LEU A 23 -0.30 -3.79 5.59
N LYS A 24 -1.63 -3.72 5.67
CA LYS A 24 -2.47 -4.69 6.41
C LYS A 24 -3.11 -5.76 5.51
N ASN A 25 -3.43 -5.39 4.26
CA ASN A 25 -4.34 -6.12 3.38
C ASN A 25 -3.86 -6.22 1.92
N CYS A 26 -2.60 -5.84 1.63
CA CYS A 26 -1.93 -5.97 0.32
C CYS A 26 -2.50 -5.17 -0.88
N ARG A 27 -3.49 -4.28 -0.66
CA ARG A 27 -4.11 -3.43 -1.70
C ARG A 27 -4.19 -1.98 -1.26
N CYS A 28 -4.34 -1.04 -2.19
CA CYS A 28 -4.89 0.28 -1.87
C CYS A 28 -6.44 0.21 -1.76
N ILE A 29 -7.04 1.16 -1.08
CA ILE A 29 -8.37 1.02 -0.44
C ILE A 29 -9.56 1.33 -1.37
N ARG A 30 -9.63 0.54 -2.43
CA ARG A 30 -10.70 0.48 -3.45
C ARG A 30 -10.82 -0.91 -4.09
N GLY A 1 1.71 -7.57 6.49
CA GLY A 1 1.50 -8.83 5.76
C GLY A 1 2.64 -9.12 4.81
N SER A 2 2.91 -10.39 4.51
CA SER A 2 3.95 -10.84 3.55
C SER A 2 3.79 -10.20 2.17
N GLY A 3 4.89 -9.65 1.63
CA GLY A 3 5.06 -9.27 0.23
C GLY A 3 4.67 -7.85 -0.18
N CYS A 4 4.27 -7.01 0.78
CA CYS A 4 3.65 -5.69 0.56
C CYS A 4 4.28 -4.62 1.47
N MET A 5 5.59 -4.36 1.30
CA MET A 5 6.36 -3.40 2.10
C MET A 5 5.92 -1.94 1.89
N PRO A 6 6.13 -1.03 2.86
CA PRO A 6 5.70 0.37 2.72
C PRO A 6 6.30 1.10 1.51
N GLU A 7 7.58 0.90 1.20
CA GLU A 7 8.23 1.43 0.00
C GLU A 7 7.78 0.81 -1.34
N TYR A 8 6.96 -0.24 -1.30
CA TYR A 8 6.22 -0.75 -2.46
C TYR A 8 4.78 -0.20 -2.48
N CYS A 9 4.10 -0.18 -1.34
CA CYS A 9 2.74 0.34 -1.21
C CYS A 9 2.63 1.83 -1.57
N ALA A 10 3.67 2.63 -1.34
CA ALA A 10 3.72 4.04 -1.79
C ALA A 10 4.09 4.23 -3.27
N GLY A 11 4.42 3.15 -3.99
CA GLY A 11 4.46 3.11 -5.46
C GLY A 11 3.15 2.63 -6.09
N GLN A 12 2.37 1.83 -5.37
CA GLN A 12 1.06 1.33 -5.81
C GLN A 12 -0.13 2.25 -5.46
N CYS A 13 -0.04 3.04 -4.37
CA CYS A 13 -1.16 3.84 -3.85
C CYS A 13 -0.75 5.29 -3.56
N ARG A 14 -1.70 6.23 -3.68
CA ARG A 14 -1.50 7.67 -3.42
C ARG A 14 -2.27 8.10 -2.16
N GLY A 15 -1.63 8.89 -1.30
CA GLY A 15 -2.14 9.30 0.02
C GLY A 15 -1.31 8.76 1.18
N LYS A 16 -1.96 8.42 2.30
CA LYS A 16 -1.31 7.97 3.55
C LYS A 16 -2.04 6.81 4.21
N VAL A 17 -3.37 6.86 4.30
CA VAL A 17 -4.23 5.74 4.72
C VAL A 17 -4.19 4.63 3.67
N SER A 18 -4.22 4.98 2.38
CA SER A 18 -4.07 4.02 1.27
C SER A 18 -2.71 3.28 1.32
N GLN A 19 -1.62 4.01 1.60
CA GLN A 19 -0.28 3.46 1.78
C GLN A 19 -0.14 2.56 3.03
N ASP A 20 -0.93 2.77 4.08
CA ASP A 20 -1.07 1.80 5.20
C ASP A 20 -1.99 0.60 4.87
N TYR A 21 -3.06 0.81 4.11
CA TYR A 21 -4.07 -0.21 3.77
C TYR A 21 -3.43 -1.38 3.00
N CYS A 22 -2.56 -1.04 2.05
CA CYS A 22 -1.77 -1.98 1.28
C CYS A 22 -0.86 -2.87 2.16
N LEU A 23 -0.43 -2.43 3.35
CA LEU A 23 0.51 -3.21 4.20
C LEU A 23 -0.06 -4.57 4.66
N LYS A 24 -1.40 -4.65 4.80
CA LYS A 24 -2.11 -5.88 5.18
C LYS A 24 -2.95 -6.46 4.04
N ASN A 25 -3.59 -5.57 3.27
CA ASN A 25 -4.58 -5.94 2.26
C ASN A 25 -3.99 -6.13 0.85
N CYS A 26 -2.83 -5.53 0.56
CA CYS A 26 -2.18 -5.49 -0.76
C CYS A 26 -3.05 -4.92 -1.91
N ARG A 27 -4.08 -4.13 -1.55
CA ARG A 27 -4.80 -3.19 -2.43
C ARG A 27 -4.62 -1.77 -1.90
N CYS A 28 -5.04 -0.77 -2.68
CA CYS A 28 -5.42 0.52 -2.10
C CYS A 28 -6.82 0.42 -1.46
N ILE A 29 -7.29 1.47 -0.78
CA ILE A 29 -8.48 1.41 0.10
C ILE A 29 -9.80 1.12 -0.66
N ARG A 30 -10.20 -0.15 -0.69
CA ARG A 30 -11.46 -0.71 -1.19
C ARG A 30 -11.76 -2.07 -0.60
N GLY A 1 2.70 -4.52 -9.65
CA GLY A 1 2.31 -5.89 -9.27
C GLY A 1 1.36 -5.85 -8.08
N SER A 2 1.46 -6.82 -7.18
CA SER A 2 0.67 -6.89 -5.93
C SER A 2 1.53 -6.98 -4.66
N GLY A 3 2.84 -6.73 -4.75
CA GLY A 3 3.74 -6.64 -3.59
C GLY A 3 3.26 -5.62 -2.56
N CYS A 4 3.51 -5.87 -1.27
CA CYS A 4 2.97 -5.07 -0.17
C CYS A 4 3.96 -4.77 0.96
N MET A 5 5.24 -4.65 0.62
CA MET A 5 6.25 -3.96 1.44
C MET A 5 6.00 -2.44 1.42
N PRO A 6 6.27 -1.69 2.51
CA PRO A 6 5.93 -0.26 2.61
C PRO A 6 6.45 0.62 1.46
N GLU A 7 7.70 0.46 1.02
CA GLU A 7 8.29 1.22 -0.07
C GLU A 7 7.79 0.81 -1.47
N TYR A 8 7.03 -0.29 -1.56
CA TYR A 8 6.25 -0.70 -2.73
C TYR A 8 4.82 -0.15 -2.64
N CYS A 9 4.19 -0.20 -1.45
CA CYS A 9 2.85 0.33 -1.21
C CYS A 9 2.76 1.84 -1.51
N ALA A 10 3.72 2.63 -1.04
CA ALA A 10 3.75 4.07 -1.35
C ALA A 10 4.17 4.36 -2.81
N GLY A 11 4.75 3.37 -3.50
CA GLY A 11 4.97 3.41 -4.95
C GLY A 11 3.68 3.23 -5.76
N GLN A 12 2.65 2.56 -5.23
CA GLN A 12 1.37 2.30 -5.92
C GLN A 12 0.19 3.15 -5.45
N CYS A 13 0.08 3.47 -4.15
CA CYS A 13 -1.09 4.08 -3.53
C CYS A 13 -0.86 5.57 -3.21
N ARG A 14 -1.92 6.40 -3.30
CA ARG A 14 -1.85 7.87 -3.20
C ARG A 14 -2.65 8.39 -2.00
N GLY A 15 -2.10 9.35 -1.26
CA GLY A 15 -2.54 9.67 0.11
C GLY A 15 -1.78 8.86 1.17
N LYS A 16 -2.36 8.68 2.37
CA LYS A 16 -1.76 7.94 3.49
C LYS A 16 -2.57 6.71 3.86
N VAL A 17 -3.90 6.83 3.98
CA VAL A 17 -4.80 5.71 4.33
C VAL A 17 -4.72 4.59 3.29
N SER A 18 -4.55 4.94 2.01
CA SER A 18 -4.38 4.00 0.90
C SER A 18 -3.06 3.21 0.99
N GLN A 19 -1.95 3.89 1.29
CA GLN A 19 -0.64 3.27 1.54
C GLN A 19 -0.71 2.38 2.80
N ASP A 20 -1.35 2.86 3.87
CA ASP A 20 -1.57 2.10 5.12
C ASP A 20 -2.45 0.86 4.94
N TYR A 21 -3.37 0.87 3.98
CA TYR A 21 -4.22 -0.28 3.63
C TYR A 21 -3.39 -1.36 2.93
N CYS A 22 -2.42 -0.96 2.10
CA CYS A 22 -1.53 -1.91 1.45
C CYS A 22 -0.65 -2.65 2.47
N LEU A 23 -0.24 -1.98 3.56
CA LEU A 23 0.54 -2.62 4.62
C LEU A 23 -0.18 -3.81 5.28
N LYS A 24 -1.52 -3.73 5.41
CA LYS A 24 -2.35 -4.64 6.22
C LYS A 24 -3.41 -5.41 5.42
N ASN A 25 -3.44 -5.22 4.10
CA ASN A 25 -4.41 -5.84 3.18
C ASN A 25 -3.84 -6.18 1.79
N CYS A 26 -2.67 -5.65 1.42
CA CYS A 26 -2.06 -5.80 0.08
C CYS A 26 -2.95 -5.28 -1.08
N ARG A 27 -3.65 -4.16 -0.83
CA ARG A 27 -4.43 -3.36 -1.80
C ARG A 27 -4.28 -1.87 -1.49
N CYS A 28 -4.58 -0.98 -2.43
CA CYS A 28 -4.80 0.44 -2.15
C CYS A 28 -6.27 0.68 -1.74
N ILE A 29 -6.52 1.47 -0.69
CA ILE A 29 -7.90 1.86 -0.32
C ILE A 29 -8.52 2.72 -1.42
N ARG A 30 -9.75 2.39 -1.85
CA ARG A 30 -10.43 3.06 -2.97
C ARG A 30 -11.19 4.31 -2.54
N GLY A 1 13.05 -4.18 -1.27
CA GLY A 1 11.72 -4.50 -0.72
C GLY A 1 10.66 -4.46 -1.80
N SER A 2 10.19 -5.62 -2.27
CA SER A 2 9.14 -5.80 -3.28
C SER A 2 8.10 -6.84 -2.82
N GLY A 3 6.94 -6.92 -3.47
CA GLY A 3 5.78 -7.69 -2.99
C GLY A 3 4.97 -6.91 -1.97
N CYS A 4 4.37 -7.57 -0.98
CA CYS A 4 3.49 -6.92 0.02
C CYS A 4 4.27 -6.11 1.09
N MET A 5 5.20 -5.25 0.68
CA MET A 5 6.11 -4.46 1.54
C MET A 5 5.80 -2.94 1.51
N PRO A 6 6.07 -2.20 2.61
CA PRO A 6 5.73 -0.78 2.73
C PRO A 6 6.28 0.13 1.62
N GLU A 7 7.49 -0.14 1.13
CA GLU A 7 8.11 0.61 0.04
C GLU A 7 7.44 0.33 -1.32
N TYR A 8 7.01 -0.91 -1.56
CA TYR A 8 6.27 -1.28 -2.77
C TYR A 8 4.86 -0.66 -2.77
N CYS A 9 4.21 -0.58 -1.60
CA CYS A 9 2.91 0.08 -1.44
C CYS A 9 2.99 1.58 -1.79
N ALA A 10 3.91 2.31 -1.13
CA ALA A 10 4.03 3.75 -1.29
C ALA A 10 4.65 4.18 -2.64
N GLY A 11 5.39 3.28 -3.30
CA GLY A 11 5.91 3.46 -4.65
C GLY A 11 4.89 3.34 -5.79
N GLN A 12 3.60 3.14 -5.48
CA GLN A 12 2.52 3.16 -6.50
C GLN A 12 1.20 3.79 -6.00
N CYS A 13 0.79 3.54 -4.75
CA CYS A 13 -0.42 4.10 -4.15
C CYS A 13 -0.11 5.37 -3.36
N ARG A 14 -1.00 6.36 -3.43
CA ARG A 14 -0.74 7.75 -3.03
C ARG A 14 -1.37 8.11 -1.68
N GLY A 15 -0.86 9.16 -1.04
CA GLY A 15 -1.38 9.71 0.22
C GLY A 15 -0.80 9.06 1.48
N LYS A 16 -1.66 8.74 2.47
CA LYS A 16 -1.31 8.02 3.70
C LYS A 16 -2.30 6.89 4.01
N VAL A 17 -3.61 7.12 3.92
CA VAL A 17 -4.65 6.11 4.22
C VAL A 17 -4.56 4.89 3.30
N SER A 18 -4.28 5.10 2.00
CA SER A 18 -4.19 4.01 1.02
C SER A 18 -2.87 3.24 1.13
N GLN A 19 -1.76 3.92 1.39
CA GLN A 19 -0.48 3.29 1.76
C GLN A 19 -0.65 2.41 3.00
N ASP A 20 -1.25 2.95 4.08
CA ASP A 20 -1.62 2.24 5.30
C ASP A 20 -2.60 1.07 5.06
N TYR A 21 -3.43 1.14 4.02
CA TYR A 21 -4.31 0.04 3.63
C TYR A 21 -3.50 -1.13 3.07
N CYS A 22 -2.50 -0.85 2.22
CA CYS A 22 -1.60 -1.87 1.68
C CYS A 22 -0.69 -2.49 2.75
N LEU A 23 -0.38 -1.79 3.85
CA LEU A 23 0.33 -2.37 5.01
C LEU A 23 -0.45 -3.50 5.70
N LYS A 24 -1.79 -3.49 5.61
CA LYS A 24 -2.68 -4.51 6.21
C LYS A 24 -3.22 -5.52 5.19
N ASN A 25 -3.55 -5.06 3.98
CA ASN A 25 -4.42 -5.77 3.04
C ASN A 25 -3.74 -6.14 1.71
N CYS A 26 -2.56 -5.58 1.40
CA CYS A 26 -1.81 -5.66 0.13
C CYS A 26 -2.56 -5.22 -1.16
N ARG A 27 -3.89 -5.00 -1.10
CA ARG A 27 -4.61 -4.07 -1.96
C ARG A 27 -4.34 -2.64 -1.51
N CYS A 28 -4.71 -1.68 -2.34
CA CYS A 28 -4.94 -0.29 -1.94
C CYS A 28 -6.45 -0.04 -1.76
N ILE A 29 -6.86 1.05 -1.10
CA ILE A 29 -8.22 1.23 -0.54
C ILE A 29 -9.30 1.42 -1.63
N ARG A 30 -10.17 0.43 -1.83
CA ARG A 30 -11.07 0.28 -3.01
C ARG A 30 -12.29 -0.60 -2.77
N GLY A 1 3.43 -5.84 5.55
CA GLY A 1 2.96 -6.99 6.35
C GLY A 1 3.74 -8.23 5.98
N SER A 2 3.04 -9.34 5.75
CA SER A 2 3.58 -10.62 5.25
C SER A 2 3.92 -10.55 3.75
N GLY A 3 4.89 -9.69 3.41
CA GLY A 3 4.99 -9.05 2.10
C GLY A 3 4.14 -7.77 2.03
N CYS A 4 4.10 -7.15 0.85
CA CYS A 4 3.50 -5.84 0.59
C CYS A 4 4.06 -4.77 1.55
N MET A 5 5.26 -4.29 1.22
CA MET A 5 6.08 -3.39 2.06
C MET A 5 5.87 -1.90 1.68
N PRO A 6 6.18 -0.94 2.58
CA PRO A 6 5.85 0.47 2.34
C PRO A 6 6.47 1.06 1.06
N GLU A 7 7.69 0.65 0.69
CA GLU A 7 8.38 1.11 -0.51
C GLU A 7 7.62 0.77 -1.82
N TYR A 8 6.95 -0.38 -1.84
CA TYR A 8 6.02 -0.79 -2.90
C TYR A 8 4.69 -0.04 -2.79
N CYS A 9 4.09 0.00 -1.59
CA CYS A 9 2.76 0.56 -1.38
C CYS A 9 2.66 2.05 -1.68
N ALA A 10 3.68 2.84 -1.30
CA ALA A 10 3.78 4.26 -1.63
C ALA A 10 4.24 4.56 -3.07
N GLY A 11 4.61 3.52 -3.84
CA GLY A 11 4.78 3.57 -5.31
C GLY A 11 3.52 3.16 -6.08
N GLN A 12 2.62 2.38 -5.46
CA GLN A 12 1.30 2.04 -6.01
C GLN A 12 0.25 3.14 -5.76
N CYS A 13 0.24 3.71 -4.55
CA CYS A 13 -0.87 4.49 -4.00
C CYS A 13 -0.42 5.79 -3.31
N ARG A 14 -1.28 6.81 -3.40
CA ARG A 14 -1.01 8.20 -3.02
C ARG A 14 -1.88 8.62 -1.84
N GLY A 15 -1.36 9.51 -0.97
CA GLY A 15 -1.91 9.76 0.36
C GLY A 15 -1.15 8.95 1.42
N LYS A 16 -1.84 8.43 2.44
CA LYS A 16 -1.23 7.66 3.53
C LYS A 16 -2.12 6.52 4.04
N VAL A 17 -3.42 6.75 4.21
CA VAL A 17 -4.39 5.68 4.54
C VAL A 17 -4.43 4.62 3.44
N SER A 18 -4.31 5.02 2.16
CA SER A 18 -4.18 4.12 1.01
C SER A 18 -2.91 3.25 1.08
N GLN A 19 -1.77 3.86 1.44
CA GLN A 19 -0.48 3.20 1.60
C GLN A 19 -0.54 2.16 2.72
N ASP A 20 -1.07 2.54 3.89
CA ASP A 20 -1.31 1.67 5.05
C ASP A 20 -2.25 0.49 4.74
N TYR A 21 -3.22 0.70 3.84
CA TYR A 21 -4.15 -0.35 3.41
C TYR A 21 -3.40 -1.45 2.63
N CYS A 22 -2.45 -1.04 1.78
CA CYS A 22 -1.55 -1.95 1.07
C CYS A 22 -0.60 -2.70 2.03
N LEU A 23 -0.12 -2.08 3.11
CA LEU A 23 0.76 -2.76 4.09
C LEU A 23 0.12 -4.04 4.65
N LYS A 24 -1.21 -4.02 4.86
CA LYS A 24 -1.98 -5.08 5.50
C LYS A 24 -2.71 -6.00 4.51
N ASN A 25 -3.22 -5.47 3.40
CA ASN A 25 -4.16 -6.13 2.51
C ASN A 25 -3.72 -6.15 1.03
N CYS A 26 -2.55 -5.57 0.70
CA CYS A 26 -1.96 -5.38 -0.63
C CYS A 26 -2.77 -4.59 -1.69
N ARG A 27 -4.10 -4.51 -1.54
CA ARG A 27 -4.99 -3.56 -2.20
C ARG A 27 -4.75 -2.16 -1.64
N CYS A 28 -5.40 -1.17 -2.23
CA CYS A 28 -5.60 0.14 -1.60
C CYS A 28 -7.08 0.39 -1.28
N ILE A 29 -7.34 1.29 -0.33
CA ILE A 29 -8.68 1.57 0.22
C ILE A 29 -9.71 2.00 -0.84
N ARG A 30 -10.98 1.62 -0.63
CA ARG A 30 -12.15 2.01 -1.45
C ARG A 30 -13.37 2.30 -0.59
N GLY A 1 12.28 -2.59 -3.59
CA GLY A 1 11.51 -3.74 -3.12
C GLY A 1 10.10 -3.69 -3.65
N SER A 2 9.50 -4.86 -3.91
CA SER A 2 8.22 -5.02 -4.61
C SER A 2 7.24 -5.92 -3.86
N GLY A 3 5.95 -5.87 -4.20
CA GLY A 3 4.92 -6.78 -3.68
C GLY A 3 4.19 -6.26 -2.45
N CYS A 4 4.11 -7.02 -1.36
CA CYS A 4 3.51 -6.56 -0.09
C CYS A 4 4.49 -5.79 0.81
N MET A 5 5.55 -5.23 0.23
CA MET A 5 6.52 -4.40 0.94
C MET A 5 5.98 -2.97 1.14
N PRO A 6 6.14 -2.34 2.33
CA PRO A 6 5.62 -1.00 2.61
C PRO A 6 6.06 0.09 1.61
N GLU A 7 7.32 0.08 1.19
CA GLU A 7 7.87 0.97 0.19
C GLU A 7 7.24 0.82 -1.20
N TYR A 8 6.73 -0.37 -1.54
CA TYR A 8 6.00 -0.61 -2.79
C TYR A 8 4.54 -0.17 -2.68
N CYS A 9 3.90 -0.37 -1.52
CA CYS A 9 2.59 0.19 -1.21
C CYS A 9 2.57 1.72 -1.42
N ALA A 10 3.56 2.43 -0.89
CA ALA A 10 3.67 3.87 -1.06
C ALA A 10 4.14 4.29 -2.48
N GLY A 11 4.92 3.45 -3.17
CA GLY A 11 5.32 3.69 -4.56
C GLY A 11 4.16 3.57 -5.56
N GLN A 12 3.25 2.60 -5.35
CA GLN A 12 2.10 2.34 -6.23
C GLN A 12 0.87 3.22 -5.91
N CYS A 13 0.69 3.67 -4.66
CA CYS A 13 -0.56 4.25 -4.17
C CYS A 13 -0.37 5.64 -3.53
N ARG A 14 -1.30 6.57 -3.82
CA ARG A 14 -1.22 7.99 -3.49
C ARG A 14 -2.02 8.34 -2.23
N GLY A 15 -1.45 9.16 -1.36
CA GLY A 15 -2.05 9.57 -0.09
C GLY A 15 -1.41 8.87 1.12
N LYS A 16 -2.22 8.44 2.09
CA LYS A 16 -1.80 7.86 3.38
C LYS A 16 -2.63 6.65 3.78
N VAL A 17 -3.96 6.78 3.79
CA VAL A 17 -4.90 5.67 4.04
C VAL A 17 -4.77 4.58 2.99
N SER A 18 -4.55 4.94 1.71
CA SER A 18 -4.29 3.98 0.62
C SER A 18 -3.04 3.13 0.89
N GLN A 19 -1.95 3.79 1.32
CA GLN A 19 -0.69 3.18 1.70
C GLN A 19 -0.88 2.22 2.90
N ASP A 20 -1.51 2.70 3.98
CA ASP A 20 -1.81 1.93 5.21
C ASP A 20 -2.79 0.75 4.98
N TYR A 21 -3.67 0.84 3.97
CA TYR A 21 -4.50 -0.29 3.55
C TYR A 21 -3.63 -1.44 3.04
N CYS A 22 -2.60 -1.12 2.25
CA CYS A 22 -1.67 -2.11 1.71
C CYS A 22 -0.76 -2.68 2.81
N LEU A 23 -0.39 -1.90 3.84
CA LEU A 23 0.39 -2.38 4.99
C LEU A 23 -0.29 -3.50 5.79
N LYS A 24 -1.64 -3.52 5.81
CA LYS A 24 -2.44 -4.45 6.63
C LYS A 24 -3.23 -5.48 5.83
N ASN A 25 -3.50 -5.21 4.55
CA ASN A 25 -4.40 -5.97 3.69
C ASN A 25 -3.80 -6.35 2.31
N CYS A 26 -2.62 -5.79 1.97
CA CYS A 26 -1.96 -5.89 0.66
C CYS A 26 -2.88 -5.60 -0.55
N ARG A 27 -3.75 -4.59 -0.37
CA ARG A 27 -4.51 -3.87 -1.41
C ARG A 27 -4.47 -2.38 -1.13
N CYS A 28 -4.73 -1.55 -2.13
CA CYS A 28 -5.04 -0.13 -1.91
C CYS A 28 -6.56 0.10 -1.95
N ILE A 29 -7.02 1.09 -1.15
CA ILE A 29 -8.44 1.31 -0.83
C ILE A 29 -9.22 1.82 -2.06
N ARG A 30 -10.27 1.09 -2.49
CA ARG A 30 -11.02 1.35 -3.73
C ARG A 30 -12.48 0.92 -3.72
N GLY A 1 9.98 -4.49 -6.33
CA GLY A 1 8.65 -4.30 -5.73
C GLY A 1 7.56 -4.99 -6.53
N SER A 2 7.05 -6.12 -6.03
CA SER A 2 5.79 -6.75 -6.49
C SER A 2 5.05 -7.54 -5.39
N GLY A 3 5.70 -7.82 -4.25
CA GLY A 3 5.09 -8.36 -3.04
C GLY A 3 4.66 -7.28 -2.04
N CYS A 4 4.11 -7.68 -0.90
CA CYS A 4 3.52 -6.78 0.10
C CYS A 4 4.59 -6.08 0.98
N MET A 5 5.45 -5.26 0.35
CA MET A 5 6.44 -4.39 0.99
C MET A 5 5.91 -2.95 1.16
N PRO A 6 6.28 -2.22 2.24
CA PRO A 6 5.87 -0.82 2.41
C PRO A 6 6.29 0.11 1.26
N GLU A 7 7.49 -0.07 0.69
CA GLU A 7 7.96 0.72 -0.46
C GLU A 7 7.19 0.38 -1.76
N TYR A 8 6.63 -0.82 -1.89
CA TYR A 8 5.70 -1.15 -3.00
C TYR A 8 4.35 -0.43 -2.81
N CYS A 9 3.80 -0.45 -1.59
CA CYS A 9 2.55 0.22 -1.25
C CYS A 9 2.61 1.74 -1.52
N ALA A 10 3.66 2.42 -1.05
CA ALA A 10 3.83 3.86 -1.26
C ALA A 10 4.39 4.24 -2.64
N GLY A 11 5.07 3.29 -3.32
CA GLY A 11 5.53 3.46 -4.69
C GLY A 11 4.39 3.47 -5.72
N GLN A 12 3.27 2.81 -5.45
CA GLN A 12 2.09 2.85 -6.34
C GLN A 12 0.94 3.74 -5.83
N CYS A 13 0.67 3.80 -4.51
CA CYS A 13 -0.54 4.45 -3.98
C CYS A 13 -0.24 5.76 -3.24
N ARG A 14 -1.15 6.74 -3.36
CA ARG A 14 -0.92 8.15 -2.99
C ARG A 14 -1.80 8.56 -1.81
N GLY A 15 -1.25 9.30 -0.85
CA GLY A 15 -1.87 9.57 0.45
C GLY A 15 -1.27 8.72 1.58
N LYS A 16 -1.99 8.58 2.70
CA LYS A 16 -1.62 7.76 3.86
C LYS A 16 -2.60 6.59 4.06
N VAL A 17 -3.90 6.83 3.94
CA VAL A 17 -4.94 5.80 4.12
C VAL A 17 -4.83 4.71 3.05
N SER A 18 -4.52 5.07 1.81
CA SER A 18 -4.29 4.17 0.68
C SER A 18 -3.08 3.26 0.91
N GLN A 19 -1.95 3.84 1.32
CA GLN A 19 -0.73 3.14 1.66
C GLN A 19 -0.95 2.20 2.86
N ASP A 20 -1.59 2.67 3.92
CA ASP A 20 -1.88 1.88 5.13
C ASP A 20 -2.92 0.76 4.88
N TYR A 21 -3.77 0.89 3.86
CA TYR A 21 -4.62 -0.21 3.37
C TYR A 21 -3.74 -1.34 2.80
N CYS A 22 -2.64 -0.99 2.13
CA CYS A 22 -1.68 -1.96 1.60
C CYS A 22 -0.76 -2.52 2.70
N LEU A 23 -0.36 -1.71 3.69
CA LEU A 23 0.41 -2.20 4.85
C LEU A 23 -0.35 -3.29 5.63
N LYS A 24 -1.67 -3.14 5.79
CA LYS A 24 -2.50 -4.05 6.59
C LYS A 24 -3.16 -5.18 5.78
N ASN A 25 -3.49 -4.94 4.51
CA ASN A 25 -4.40 -5.77 3.71
C ASN A 25 -3.95 -5.99 2.24
N CYS A 26 -2.78 -5.47 1.87
CA CYS A 26 -2.13 -5.56 0.54
C CYS A 26 -2.97 -5.16 -0.69
N ARG A 27 -4.06 -4.40 -0.48
CA ARG A 27 -4.79 -3.64 -1.52
C ARG A 27 -4.59 -2.15 -1.26
N CYS A 28 -4.96 -1.29 -2.21
CA CYS A 28 -5.16 0.13 -1.91
C CYS A 28 -6.65 0.46 -1.71
N ILE A 29 -6.93 1.60 -1.06
CA ILE A 29 -8.31 2.01 -0.77
C ILE A 29 -9.04 2.42 -2.07
N ARG A 30 -10.23 1.83 -2.25
CA ARG A 30 -11.16 2.01 -3.37
C ARG A 30 -12.58 2.13 -2.85
N GLY A 1 -2.71 -5.99 -7.96
CA GLY A 1 -1.39 -5.52 -7.53
C GLY A 1 -0.28 -6.41 -8.05
N SER A 2 0.97 -5.99 -7.87
CA SER A 2 2.18 -6.73 -8.28
C SER A 2 3.30 -6.75 -7.21
N GLY A 3 2.95 -6.49 -5.95
CA GLY A 3 3.88 -6.45 -4.80
C GLY A 3 3.23 -5.83 -3.56
N CYS A 4 3.60 -6.32 -2.37
CA CYS A 4 3.00 -5.93 -1.09
C CYS A 4 3.98 -5.29 -0.09
N MET A 5 5.20 -5.00 -0.53
CA MET A 5 6.22 -4.33 0.30
C MET A 5 5.85 -2.85 0.56
N PRO A 6 6.12 -2.27 1.75
CA PRO A 6 5.64 -0.93 2.12
C PRO A 6 6.01 0.21 1.18
N GLU A 7 7.23 0.23 0.64
CA GLU A 7 7.69 1.19 -0.34
C GLU A 7 7.07 0.97 -1.73
N TYR A 8 6.71 -0.27 -2.07
CA TYR A 8 6.04 -0.65 -3.32
C TYR A 8 4.52 -0.41 -3.26
N CYS A 9 3.91 -0.50 -2.08
CA CYS A 9 2.57 0.03 -1.82
C CYS A 9 2.51 1.53 -2.14
N ALA A 10 3.53 2.29 -1.73
CA ALA A 10 3.65 3.72 -2.02
C ALA A 10 4.12 4.06 -3.45
N GLY A 11 4.44 3.06 -4.28
CA GLY A 11 4.57 3.20 -5.73
C GLY A 11 3.22 3.05 -6.44
N GLN A 12 2.50 1.98 -6.13
CA GLN A 12 1.16 1.71 -6.69
C GLN A 12 0.09 2.71 -6.24
N CYS A 13 0.19 3.22 -5.00
CA CYS A 13 -0.88 3.95 -4.30
C CYS A 13 -0.36 5.20 -3.57
N ARG A 14 -1.15 6.28 -3.55
CA ARG A 14 -0.71 7.63 -3.10
C ARG A 14 -1.69 8.27 -2.10
N GLY A 15 -1.14 8.97 -1.12
CA GLY A 15 -1.84 9.41 0.10
C GLY A 15 -1.25 8.76 1.35
N LYS A 16 -2.07 8.60 2.39
CA LYS A 16 -1.72 8.00 3.70
C LYS A 16 -2.55 6.75 4.00
N VAL A 17 -3.86 6.82 3.79
CA VAL A 17 -4.83 5.74 4.06
C VAL A 17 -4.79 4.67 2.96
N SER A 18 -4.61 5.08 1.71
CA SER A 18 -4.38 4.19 0.56
C SER A 18 -3.16 3.30 0.78
N GLN A 19 -2.04 3.89 1.23
CA GLN A 19 -0.83 3.16 1.60
C GLN A 19 -1.05 2.26 2.83
N ASP A 20 -1.66 2.79 3.90
CA ASP A 20 -1.94 2.07 5.16
C ASP A 20 -2.79 0.80 4.98
N TYR A 21 -3.70 0.79 4.02
CA TYR A 21 -4.49 -0.39 3.66
C TYR A 21 -3.60 -1.47 3.02
N CYS A 22 -2.58 -1.07 2.25
CA CYS A 22 -1.63 -2.00 1.63
C CYS A 22 -0.59 -2.52 2.64
N LEU A 23 -0.26 -1.73 3.68
CA LEU A 23 0.60 -2.18 4.79
C LEU A 23 -0.03 -3.34 5.60
N LYS A 24 -1.35 -3.30 5.80
CA LYS A 24 -2.07 -4.27 6.66
C LYS A 24 -2.77 -5.40 5.90
N ASN A 25 -3.18 -5.18 4.65
CA ASN A 25 -4.11 -6.06 3.94
C ASN A 25 -3.76 -6.27 2.44
N CYS A 26 -2.68 -5.63 1.93
CA CYS A 26 -2.32 -5.57 0.51
C CYS A 26 -3.53 -5.30 -0.42
N ARG A 27 -4.19 -4.17 -0.16
CA ARG A 27 -5.24 -3.51 -0.96
C ARG A 27 -5.01 -2.00 -0.94
N CYS A 28 -5.69 -1.23 -1.78
CA CYS A 28 -5.69 0.24 -1.72
C CYS A 28 -7.13 0.78 -1.72
N ILE A 29 -7.34 1.88 -0.98
CA ILE A 29 -8.67 2.37 -0.60
C ILE A 29 -9.32 3.22 -1.69
N ARG A 30 -10.60 2.93 -1.97
CA ARG A 30 -11.50 3.61 -2.94
C ARG A 30 -12.96 3.23 -2.72
N GLY A 1 12.44 -6.69 -1.85
CA GLY A 1 11.17 -6.98 -1.18
C GLY A 1 9.99 -6.49 -2.01
N SER A 2 8.85 -7.17 -1.93
CA SER A 2 7.65 -6.90 -2.75
C SER A 2 6.36 -7.10 -1.94
N GLY A 3 5.21 -6.71 -2.52
CA GLY A 3 3.89 -6.99 -1.93
C GLY A 3 3.55 -6.09 -0.73
N CYS A 4 3.28 -6.68 0.42
CA CYS A 4 2.83 -6.03 1.67
C CYS A 4 3.88 -5.13 2.39
N MET A 5 4.79 -4.50 1.64
CA MET A 5 5.90 -3.66 2.09
C MET A 5 5.70 -2.19 1.69
N PRO A 6 6.12 -1.20 2.51
CA PRO A 6 5.76 0.22 2.30
C PRO A 6 6.18 0.78 0.93
N GLU A 7 7.37 0.41 0.45
CA GLU A 7 7.91 0.83 -0.83
C GLU A 7 7.16 0.25 -2.05
N TYR A 8 6.58 -0.95 -1.95
CA TYR A 8 5.73 -1.53 -3.00
C TYR A 8 4.29 -0.99 -2.89
N CYS A 9 3.82 -0.71 -1.66
CA CYS A 9 2.51 -0.13 -1.40
C CYS A 9 2.37 1.31 -1.94
N ALA A 10 3.46 2.08 -1.95
CA ALA A 10 3.54 3.43 -2.53
C ALA A 10 4.12 3.47 -3.96
N GLY A 11 4.16 2.32 -4.64
CA GLY A 11 4.55 2.19 -6.05
C GLY A 11 3.54 2.80 -7.02
N GLN A 12 2.24 2.64 -6.76
CA GLN A 12 1.12 3.13 -7.59
C GLN A 12 0.07 3.95 -6.79
N CYS A 13 0.31 4.26 -5.51
CA CYS A 13 -0.65 4.87 -4.57
C CYS A 13 -0.01 5.98 -3.72
N ARG A 14 -0.72 7.08 -3.49
CA ARG A 14 -0.31 8.26 -2.69
C ARG A 14 -1.14 8.39 -1.40
N GLY A 15 -0.78 9.34 -0.55
CA GLY A 15 -1.46 9.63 0.72
C GLY A 15 -1.04 8.69 1.86
N LYS A 16 -1.90 8.56 2.88
CA LYS A 16 -1.70 7.72 4.07
C LYS A 16 -2.71 6.58 4.13
N VAL A 17 -4.00 6.85 3.89
CA VAL A 17 -5.08 5.86 4.10
C VAL A 17 -4.90 4.63 3.22
N SER A 18 -4.58 4.84 1.94
CA SER A 18 -4.44 3.75 0.98
C SER A 18 -3.07 3.05 1.10
N GLN A 19 -1.99 3.79 1.35
CA GLN A 19 -0.70 3.19 1.67
C GLN A 19 -0.77 2.30 2.92
N ASP A 20 -1.37 2.76 4.03
CA ASP A 20 -1.48 1.94 5.25
C ASP A 20 -2.50 0.80 5.13
N TYR A 21 -3.47 0.92 4.21
CA TYR A 21 -4.32 -0.21 3.85
C TYR A 21 -3.45 -1.33 3.26
N CYS A 22 -2.49 -1.01 2.39
CA CYS A 22 -1.58 -2.00 1.84
C CYS A 22 -0.59 -2.55 2.89
N LEU A 23 -0.17 -1.77 3.90
CA LEU A 23 0.68 -2.28 5.00
C LEU A 23 0.01 -3.40 5.82
N LYS A 24 -1.32 -3.45 5.83
CA LYS A 24 -2.12 -4.50 6.49
C LYS A 24 -2.64 -5.57 5.51
N ASN A 25 -3.15 -5.12 4.36
CA ASN A 25 -4.01 -5.86 3.44
C ASN A 25 -3.39 -6.16 2.07
N CYS A 26 -2.20 -5.62 1.77
CA CYS A 26 -1.46 -5.76 0.51
C CYS A 26 -2.15 -5.20 -0.77
N ARG A 27 -3.26 -4.47 -0.62
CA ARG A 27 -3.97 -3.73 -1.67
C ARG A 27 -4.03 -2.24 -1.35
N CYS A 28 -4.30 -1.40 -2.34
CA CYS A 28 -4.79 -0.04 -2.12
C CYS A 28 -6.31 -0.07 -1.87
N ILE A 29 -6.83 0.86 -1.04
CA ILE A 29 -8.05 0.67 -0.23
C ILE A 29 -9.36 0.34 -0.97
N ARG A 30 -9.50 0.81 -2.21
CA ARG A 30 -10.72 0.65 -3.03
C ARG A 30 -11.01 -0.77 -3.52
N GLY A 1 -2.45 -8.16 -3.93
CA GLY A 1 -1.70 -7.18 -4.72
C GLY A 1 -0.33 -7.70 -5.11
N SER A 2 0.26 -7.15 -6.17
CA SER A 2 1.53 -7.64 -6.75
C SER A 2 2.76 -7.49 -5.85
N GLY A 3 2.72 -6.59 -4.87
CA GLY A 3 3.77 -6.39 -3.88
C GLY A 3 3.23 -5.66 -2.65
N CYS A 4 3.78 -6.01 -1.48
CA CYS A 4 3.17 -5.82 -0.16
C CYS A 4 4.13 -5.23 0.89
N MET A 5 5.20 -4.59 0.41
CA MET A 5 6.27 -3.96 1.21
C MET A 5 6.12 -2.43 1.20
N PRO A 6 6.57 -1.69 2.24
CA PRO A 6 6.19 -0.30 2.41
C PRO A 6 6.63 0.64 1.27
N GLU A 7 7.79 0.40 0.66
CA GLU A 7 8.32 1.17 -0.46
C GLU A 7 7.67 0.85 -1.81
N TYR A 8 7.05 -0.33 -1.91
CA TYR A 8 6.21 -0.75 -3.03
C TYR A 8 4.79 -0.18 -2.86
N CYS A 9 4.25 -0.21 -1.64
CA CYS A 9 2.92 0.32 -1.33
C CYS A 9 2.77 1.79 -1.67
N ALA A 10 3.77 2.63 -1.33
CA ALA A 10 3.75 4.04 -1.70
C ALA A 10 4.11 4.33 -3.17
N GLY A 11 4.62 3.34 -3.91
CA GLY A 11 4.78 3.40 -5.37
C GLY A 11 3.45 3.20 -6.12
N GLN A 12 2.59 2.28 -5.65
CA GLN A 12 1.31 1.94 -6.30
C GLN A 12 0.08 2.70 -5.76
N CYS A 13 0.12 3.18 -4.51
CA CYS A 13 -0.98 3.96 -3.90
C CYS A 13 -0.58 5.42 -3.63
N ARG A 14 -1.47 6.37 -3.96
CA ARG A 14 -1.38 7.81 -3.64
C ARG A 14 -2.33 8.17 -2.49
N GLY A 15 -1.96 9.15 -1.68
CA GLY A 15 -2.53 9.38 -0.34
C GLY A 15 -1.75 8.64 0.75
N LYS A 16 -2.35 8.42 1.93
CA LYS A 16 -1.73 7.78 3.11
C LYS A 16 -2.58 6.60 3.62
N VAL A 17 -3.90 6.76 3.75
CA VAL A 17 -4.81 5.66 4.10
C VAL A 17 -4.68 4.49 3.12
N SER A 18 -4.50 4.79 1.83
CA SER A 18 -4.28 3.83 0.75
C SER A 18 -2.96 3.08 0.87
N GLN A 19 -1.86 3.78 1.14
CA GLN A 19 -0.54 3.19 1.42
C GLN A 19 -0.61 2.30 2.67
N ASP A 20 -1.27 2.77 3.74
CA ASP A 20 -1.52 1.99 4.96
C ASP A 20 -2.44 0.77 4.74
N TYR A 21 -3.33 0.82 3.75
CA TYR A 21 -4.14 -0.33 3.37
C TYR A 21 -3.27 -1.41 2.70
N CYS A 22 -2.24 -1.01 1.96
CA CYS A 22 -1.28 -1.95 1.41
C CYS A 22 -0.35 -2.53 2.50
N LEU A 23 -0.01 -1.75 3.55
CA LEU A 23 0.76 -2.24 4.70
C LEU A 23 0.05 -3.40 5.43
N LYS A 24 -1.29 -3.35 5.56
CA LYS A 24 -2.07 -4.34 6.35
C LYS A 24 -2.81 -5.40 5.51
N ASN A 25 -3.10 -5.13 4.24
CA ASN A 25 -3.97 -5.98 3.41
C ASN A 25 -3.46 -6.22 1.97
N CYS A 26 -2.35 -5.58 1.56
CA CYS A 26 -1.80 -5.66 0.20
C CYS A 26 -2.80 -5.32 -0.94
N ARG A 27 -3.61 -4.28 -0.70
CA ARG A 27 -4.39 -3.53 -1.70
C ARG A 27 -4.23 -2.03 -1.49
N CYS A 28 -4.54 -1.22 -2.49
CA CYS A 28 -4.97 0.16 -2.26
C CYS A 28 -6.48 0.18 -1.95
N ILE A 29 -6.93 1.02 -1.03
CA ILE A 29 -8.33 1.06 -0.53
C ILE A 29 -9.32 1.53 -1.62
N ARG A 30 -10.38 0.74 -1.89
CA ARG A 30 -11.50 1.09 -2.78
C ARG A 30 -12.74 0.22 -2.58
N GLY A 1 3.46 -11.98 -8.91
CA GLY A 1 2.46 -10.91 -8.70
C GLY A 1 3.10 -9.66 -8.12
N SER A 2 2.27 -8.77 -7.60
CA SER A 2 2.64 -7.47 -7.03
C SER A 2 3.32 -7.56 -5.66
N GLY A 3 3.95 -6.46 -5.21
CA GLY A 3 4.57 -6.35 -3.89
C GLY A 3 3.60 -5.99 -2.77
N CYS A 4 3.92 -6.42 -1.54
CA CYS A 4 3.16 -6.15 -0.32
C CYS A 4 3.95 -5.38 0.76
N MET A 5 5.03 -4.72 0.35
CA MET A 5 5.98 -4.02 1.21
C MET A 5 5.79 -2.49 1.18
N PRO A 6 6.19 -1.72 2.21
CA PRO A 6 5.80 -0.31 2.34
C PRO A 6 6.27 0.59 1.19
N GLU A 7 7.44 0.34 0.62
CA GLU A 7 7.96 1.01 -0.57
C GLU A 7 7.24 0.65 -1.89
N TYR A 8 6.57 -0.50 -1.94
CA TYR A 8 5.65 -0.86 -3.03
C TYR A 8 4.30 -0.16 -2.83
N CYS A 9 3.76 -0.21 -1.61
CA CYS A 9 2.49 0.42 -1.25
C CYS A 9 2.49 1.93 -1.54
N ALA A 10 3.50 2.67 -1.06
CA ALA A 10 3.62 4.10 -1.31
C ALA A 10 4.20 4.44 -2.69
N GLY A 11 4.92 3.51 -3.32
CA GLY A 11 5.39 3.65 -4.71
C GLY A 11 4.26 3.54 -5.76
N GLN A 12 3.14 2.89 -5.43
CA GLN A 12 2.02 2.65 -6.35
C GLN A 12 0.69 3.34 -5.95
N CYS A 13 0.58 3.91 -4.74
CA CYS A 13 -0.65 4.47 -4.19
C CYS A 13 -0.39 5.80 -3.47
N ARG A 14 -1.21 6.83 -3.69
CA ARG A 14 -1.03 8.20 -3.17
C ARG A 14 -1.91 8.49 -1.95
N GLY A 15 -1.49 9.46 -1.14
CA GLY A 15 -2.11 9.79 0.16
C GLY A 15 -1.60 8.91 1.29
N LYS A 16 -2.39 8.70 2.35
CA LYS A 16 -2.00 7.89 3.53
C LYS A 16 -2.98 6.78 3.86
N VAL A 17 -4.28 6.96 3.62
CA VAL A 17 -5.30 5.91 3.82
C VAL A 17 -5.08 4.78 2.82
N SER A 18 -4.82 5.14 1.56
CA SER A 18 -4.54 4.21 0.45
C SER A 18 -3.29 3.39 0.74
N GLN A 19 -2.20 4.04 1.20
CA GLN A 19 -0.95 3.39 1.60
C GLN A 19 -1.11 2.48 2.82
N ASP A 20 -1.69 2.97 3.93
CA ASP A 20 -1.79 2.20 5.18
C ASP A 20 -2.67 0.94 5.04
N TYR A 21 -3.60 0.94 4.07
CA TYR A 21 -4.41 -0.23 3.78
C TYR A 21 -3.57 -1.39 3.23
N CYS A 22 -2.55 -1.07 2.43
CA CYS A 22 -1.61 -2.04 1.86
C CYS A 22 -0.66 -2.61 2.92
N LEU A 23 -0.36 -1.84 3.98
CA LEU A 23 0.51 -2.27 5.09
C LEU A 23 -0.10 -3.41 5.95
N LYS A 24 -1.41 -3.67 5.84
CA LYS A 24 -2.11 -4.80 6.50
C LYS A 24 -2.89 -5.76 5.58
N ASN A 25 -3.12 -5.40 4.31
CA ASN A 25 -4.00 -6.15 3.40
C ASN A 25 -3.51 -6.21 1.94
N CYS A 26 -2.32 -5.68 1.63
CA CYS A 26 -1.63 -5.59 0.33
C CYS A 26 -2.35 -4.87 -0.84
N ARG A 27 -3.69 -4.73 -0.81
CA ARG A 27 -4.45 -3.81 -1.66
C ARG A 27 -4.32 -2.38 -1.14
N CYS A 28 -4.60 -1.41 -1.98
CA CYS A 28 -4.79 -0.02 -1.58
C CYS A 28 -6.29 0.33 -1.55
N ILE A 29 -6.82 0.39 -0.33
CA ILE A 29 -8.16 0.79 0.18
C ILE A 29 -9.43 0.19 -0.48
N ARG A 30 -9.39 -0.28 -1.72
CA ARG A 30 -10.54 -0.79 -2.49
C ARG A 30 -10.64 -2.32 -2.44
N GLY A 1 11.53 -1.75 -4.41
CA GLY A 1 10.23 -1.96 -3.75
C GLY A 1 9.74 -3.39 -3.94
N SER A 2 9.59 -4.15 -2.85
CA SER A 2 9.31 -5.59 -2.84
C SER A 2 7.94 -5.96 -2.25
N GLY A 3 7.56 -7.24 -2.41
CA GLY A 3 6.21 -7.74 -2.17
C GLY A 3 5.52 -7.34 -0.86
N CYS A 4 4.43 -6.58 -0.97
CA CYS A 4 3.66 -5.99 0.12
C CYS A 4 4.44 -5.14 1.15
N MET A 5 5.64 -4.68 0.80
CA MET A 5 6.48 -3.82 1.65
C MET A 5 6.07 -2.34 1.49
N PRO A 6 6.35 -1.45 2.47
CA PRO A 6 5.94 -0.05 2.39
C PRO A 6 6.45 0.67 1.13
N GLU A 7 7.64 0.36 0.62
CA GLU A 7 8.15 0.95 -0.63
C GLU A 7 7.37 0.51 -1.88
N TYR A 8 6.78 -0.70 -1.88
CA TYR A 8 5.82 -1.12 -2.89
C TYR A 8 4.47 -0.41 -2.70
N CYS A 9 3.95 -0.34 -1.47
CA CYS A 9 2.67 0.29 -1.16
C CYS A 9 2.64 1.80 -1.51
N ALA A 10 3.66 2.54 -1.10
CA ALA A 10 3.86 3.95 -1.45
C ALA A 10 4.52 4.14 -2.83
N GLY A 11 4.91 3.05 -3.51
CA GLY A 11 5.27 3.04 -4.93
C GLY A 11 4.03 2.99 -5.82
N GLN A 12 3.07 2.11 -5.50
CA GLN A 12 1.79 1.95 -6.22
C GLN A 12 0.81 3.10 -5.98
N CYS A 13 0.73 3.64 -4.77
CA CYS A 13 -0.43 4.41 -4.31
C CYS A 13 -0.08 5.67 -3.49
N ARG A 14 -0.88 6.73 -3.67
CA ARG A 14 -0.71 8.07 -3.06
C ARG A 14 -1.46 8.22 -1.74
N GLY A 15 -1.09 9.26 -0.99
CA GLY A 15 -1.73 9.64 0.27
C GLY A 15 -1.16 8.87 1.46
N LYS A 16 -2.01 8.54 2.45
CA LYS A 16 -1.60 7.95 3.73
C LYS A 16 -2.52 6.81 4.16
N VAL A 17 -3.83 6.90 3.91
CA VAL A 17 -4.81 5.84 4.18
C VAL A 17 -4.60 4.63 3.27
N SER A 18 -4.42 4.85 1.96
CA SER A 18 -4.30 3.79 0.97
C SER A 18 -2.96 3.05 1.07
N GLN A 19 -1.88 3.79 1.31
CA GLN A 19 -0.58 3.20 1.64
C GLN A 19 -0.69 2.26 2.86
N ASP A 20 -1.36 2.70 3.94
CA ASP A 20 -1.65 1.89 5.14
C ASP A 20 -2.57 0.68 4.87
N TYR A 21 -3.46 0.78 3.88
CA TYR A 21 -4.32 -0.33 3.46
C TYR A 21 -3.47 -1.48 2.90
N CYS A 22 -2.44 -1.15 2.13
CA CYS A 22 -1.50 -2.11 1.57
C CYS A 22 -0.62 -2.77 2.64
N LEU A 23 -0.31 -2.08 3.74
CA LEU A 23 0.51 -2.66 4.82
C LEU A 23 -0.14 -3.89 5.49
N LYS A 24 -1.48 -3.99 5.50
CA LYS A 24 -2.20 -5.13 6.13
C LYS A 24 -3.07 -5.98 5.21
N ASN A 25 -3.59 -5.37 4.15
CA ASN A 25 -4.45 -6.00 3.14
C ASN A 25 -3.70 -6.32 1.82
N CYS A 26 -2.50 -5.75 1.62
CA CYS A 26 -1.74 -5.75 0.34
C CYS A 26 -2.55 -5.31 -0.89
N ARG A 27 -3.50 -4.39 -0.68
CA ARG A 27 -4.23 -3.65 -1.72
C ARG A 27 -4.21 -2.18 -1.40
N CYS A 28 -4.48 -1.34 -2.39
CA CYS A 28 -4.89 0.03 -2.15
C CYS A 28 -6.38 0.08 -1.75
N ILE A 29 -6.83 1.14 -1.08
CA ILE A 29 -8.20 1.24 -0.55
C ILE A 29 -9.26 1.44 -1.66
N ARG A 30 -9.89 0.33 -2.04
CA ARG A 30 -10.97 0.23 -3.04
C ARG A 30 -11.85 -1.00 -2.82
N GLY A 1 -1.95 -7.07 -6.38
CA GLY A 1 -0.63 -7.59 -6.73
C GLY A 1 -0.23 -8.73 -5.83
N SER A 2 0.98 -9.26 -6.02
CA SER A 2 1.67 -10.13 -5.04
C SER A 2 2.65 -9.34 -4.16
N GLY A 3 3.08 -8.15 -4.58
CA GLY A 3 3.96 -7.27 -3.82
C GLY A 3 3.20 -6.24 -2.99
N CYS A 4 3.50 -6.17 -1.69
CA CYS A 4 3.01 -5.16 -0.76
C CYS A 4 4.00 -4.90 0.41
N MET A 5 5.30 -4.77 0.09
CA MET A 5 6.30 -4.15 0.97
C MET A 5 6.12 -2.62 1.05
N PRO A 6 6.53 -1.94 2.13
CA PRO A 6 6.13 -0.56 2.38
C PRO A 6 6.53 0.45 1.29
N GLU A 7 7.75 0.35 0.76
CA GLU A 7 8.25 1.27 -0.28
C GLU A 7 7.53 1.09 -1.63
N TYR A 8 7.02 -0.12 -1.87
CA TYR A 8 6.26 -0.49 -3.08
C TYR A 8 4.75 -0.22 -2.91
N CYS A 9 4.20 -0.36 -1.69
CA CYS A 9 2.88 0.17 -1.37
C CYS A 9 2.80 1.68 -1.61
N ALA A 10 3.85 2.43 -1.27
CA ALA A 10 3.91 3.87 -1.50
C ALA A 10 4.28 4.30 -2.93
N GLY A 11 4.55 3.33 -3.83
CA GLY A 11 4.61 3.54 -5.28
C GLY A 11 3.26 3.27 -5.95
N GLN A 12 2.65 2.11 -5.68
CA GLN A 12 1.38 1.72 -6.31
C GLN A 12 0.15 2.45 -5.72
N CYS A 13 0.22 2.88 -4.46
CA CYS A 13 -0.82 3.65 -3.77
C CYS A 13 -0.30 5.05 -3.34
N ARG A 14 -1.13 6.08 -3.46
CA ARG A 14 -0.78 7.49 -3.22
C ARG A 14 -1.54 8.07 -2.02
N GLY A 15 -0.89 8.91 -1.23
CA GLY A 15 -1.40 9.42 0.06
C GLY A 15 -0.80 8.71 1.27
N LYS A 16 -1.64 8.32 2.24
CA LYS A 16 -1.24 7.60 3.47
C LYS A 16 -2.17 6.43 3.77
N VAL A 17 -3.48 6.67 3.82
CA VAL A 17 -4.49 5.64 4.17
C VAL A 17 -4.53 4.52 3.14
N SER A 18 -4.30 4.83 1.86
CA SER A 18 -4.13 3.85 0.79
C SER A 18 -2.88 2.97 1.00
N GLN A 19 -1.75 3.58 1.38
CA GLN A 19 -0.50 2.90 1.67
C GLN A 19 -0.62 2.01 2.91
N ASP A 20 -1.26 2.47 4.01
CA ASP A 20 -1.50 1.62 5.18
C ASP A 20 -2.56 0.51 4.93
N TYR A 21 -3.43 0.68 3.95
CA TYR A 21 -4.29 -0.39 3.45
C TYR A 21 -3.46 -1.47 2.72
N CYS A 22 -2.38 -1.09 2.04
CA CYS A 22 -1.45 -2.04 1.44
C CYS A 22 -0.53 -2.70 2.49
N LEU A 23 -0.16 -1.99 3.56
CA LEU A 23 0.57 -2.58 4.70
C LEU A 23 -0.24 -3.66 5.44
N LYS A 24 -1.56 -3.45 5.63
CA LYS A 24 -2.43 -4.39 6.36
C LYS A 24 -3.12 -5.43 5.49
N ASN A 25 -3.58 -5.06 4.29
CA ASN A 25 -4.55 -5.83 3.47
C ASN A 25 -4.07 -6.04 2.02
N CYS A 26 -2.84 -5.60 1.67
CA CYS A 26 -2.17 -5.81 0.37
C CYS A 26 -2.83 -5.16 -0.88
N ARG A 27 -3.83 -4.29 -0.71
CA ARG A 27 -4.48 -3.49 -1.79
C ARG A 27 -4.30 -1.99 -1.55
N CYS A 28 -4.65 -1.16 -2.53
CA CYS A 28 -4.98 0.24 -2.26
C CYS A 28 -6.43 0.35 -1.73
N ILE A 29 -6.80 1.47 -1.10
CA ILE A 29 -8.12 1.63 -0.43
C ILE A 29 -9.24 1.99 -1.41
N ARG A 30 -9.71 0.95 -2.11
CA ARG A 30 -10.92 0.90 -2.93
C ARG A 30 -11.75 -0.30 -2.52
N GLY A 1 12.39 -5.19 -1.99
CA GLY A 1 11.85 -4.13 -2.86
C GLY A 1 10.37 -4.31 -3.13
N SER A 2 10.04 -5.10 -4.14
CA SER A 2 8.67 -5.42 -4.59
C SER A 2 7.99 -6.47 -3.70
N GLY A 3 6.65 -6.58 -3.80
CA GLY A 3 5.81 -7.43 -2.96
C GLY A 3 4.85 -6.61 -2.10
N CYS A 4 4.35 -7.15 -0.99
CA CYS A 4 3.54 -6.42 -0.02
C CYS A 4 4.42 -5.61 0.96
N MET A 5 5.26 -4.72 0.41
CA MET A 5 6.31 -3.98 1.12
C MET A 5 5.99 -2.48 1.21
N PRO A 6 6.29 -1.77 2.33
CA PRO A 6 5.97 -0.34 2.49
C PRO A 6 6.46 0.58 1.35
N GLU A 7 7.64 0.32 0.79
CA GLU A 7 8.22 1.01 -0.37
C GLU A 7 7.48 0.75 -1.69
N TYR A 8 6.83 -0.41 -1.84
CA TYR A 8 5.98 -0.75 -2.98
C TYR A 8 4.58 -0.16 -2.78
N CYS A 9 4.08 -0.12 -1.54
CA CYS A 9 2.81 0.51 -1.17
C CYS A 9 2.79 2.02 -1.52
N ALA A 10 3.81 2.78 -1.13
CA ALA A 10 3.95 4.19 -1.53
C ALA A 10 4.53 4.39 -2.94
N GLY A 11 4.74 3.31 -3.69
CA GLY A 11 4.80 3.34 -5.15
C GLY A 11 3.40 3.28 -5.77
N GLN A 12 2.67 2.17 -5.51
CA GLN A 12 1.38 1.83 -6.13
C GLN A 12 0.17 2.68 -5.66
N CYS A 13 0.22 3.23 -4.44
CA CYS A 13 -0.89 3.89 -3.77
C CYS A 13 -0.57 5.35 -3.40
N ARG A 14 -1.60 6.21 -3.39
CA ARG A 14 -1.51 7.66 -3.14
C ARG A 14 -2.39 8.04 -1.94
N GLY A 15 -1.91 8.94 -1.08
CA GLY A 15 -2.55 9.25 0.20
C GLY A 15 -2.15 8.28 1.32
N LYS A 16 -2.36 8.67 2.58
CA LYS A 16 -1.78 8.04 3.78
C LYS A 16 -2.57 6.80 4.18
N VAL A 17 -3.90 6.88 4.09
CA VAL A 17 -4.82 5.77 4.35
C VAL A 17 -4.68 4.66 3.29
N SER A 18 -4.48 5.01 2.02
CA SER A 18 -4.30 4.04 0.92
C SER A 18 -2.94 3.35 1.00
N GLN A 19 -1.86 4.08 1.26
CA GLN A 19 -0.55 3.50 1.59
C GLN A 19 -0.63 2.59 2.83
N ASP A 20 -1.36 3.01 3.88
CA ASP A 20 -1.62 2.16 5.07
C ASP A 20 -2.52 0.94 4.78
N TYR A 21 -3.36 0.98 3.74
CA TYR A 21 -4.20 -0.14 3.33
C TYR A 21 -3.33 -1.27 2.74
N CYS A 22 -2.27 -0.90 2.02
CA CYS A 22 -1.32 -1.85 1.48
C CYS A 22 -0.46 -2.50 2.58
N LEU A 23 -0.13 -1.76 3.66
CA LEU A 23 0.59 -2.34 4.81
C LEU A 23 -0.16 -3.53 5.43
N LYS A 24 -1.50 -3.43 5.53
CA LYS A 24 -2.35 -4.35 6.31
C LYS A 24 -3.15 -5.35 5.49
N ASN A 25 -3.46 -5.02 4.23
CA ASN A 25 -4.37 -5.78 3.34
C ASN A 25 -3.81 -5.96 1.91
N CYS A 26 -2.57 -5.55 1.64
CA CYS A 26 -1.85 -5.71 0.37
C CYS A 26 -2.56 -5.19 -0.90
N ARG A 27 -3.41 -4.16 -0.76
CA ARG A 27 -4.04 -3.38 -1.85
C ARG A 27 -3.92 -1.89 -1.60
N CYS A 28 -4.18 -1.05 -2.60
CA CYS A 28 -4.70 0.30 -2.34
C CYS A 28 -6.15 0.21 -1.81
N ILE A 29 -6.68 1.26 -1.20
CA ILE A 29 -7.97 1.21 -0.47
C ILE A 29 -9.18 0.74 -1.32
N ARG A 30 -9.49 -0.55 -1.22
CA ARG A 30 -10.50 -1.31 -2.01
C ARG A 30 -11.11 -2.44 -1.19
N GLY A 1 2.71 -5.73 4.80
CA GLY A 1 1.82 -6.88 4.64
C GLY A 1 2.58 -8.12 4.23
N SER A 2 2.01 -9.30 4.43
CA SER A 2 2.56 -10.56 3.91
C SER A 2 2.44 -10.60 2.38
N GLY A 3 3.58 -10.47 1.69
CA GLY A 3 3.66 -10.38 0.23
C GLY A 3 3.64 -8.96 -0.36
N CYS A 4 3.73 -7.92 0.47
CA CYS A 4 3.80 -6.52 0.05
C CYS A 4 4.54 -5.63 1.09
N MET A 5 5.67 -5.06 0.66
CA MET A 5 6.47 -4.10 1.46
C MET A 5 5.95 -2.65 1.35
N PRO A 6 6.25 -1.76 2.32
CA PRO A 6 5.82 -0.35 2.27
C PRO A 6 6.30 0.40 1.02
N GLU A 7 7.53 0.10 0.56
CA GLU A 7 8.12 0.69 -0.63
C GLU A 7 7.40 0.33 -1.94
N TYR A 8 6.73 -0.82 -1.99
CA TYR A 8 5.78 -1.19 -3.04
C TYR A 8 4.46 -0.42 -2.85
N CYS A 9 3.89 -0.43 -1.64
CA CYS A 9 2.61 0.22 -1.35
C CYS A 9 2.59 1.72 -1.68
N ALA A 10 3.65 2.46 -1.35
CA ALA A 10 3.78 3.88 -1.68
C ALA A 10 4.20 4.16 -3.15
N GLY A 11 4.62 3.12 -3.88
CA GLY A 11 4.78 3.14 -5.34
C GLY A 11 3.47 2.95 -6.09
N GLN A 12 2.60 2.04 -5.64
CA GLN A 12 1.27 1.81 -6.23
C GLN A 12 0.24 2.90 -5.84
N CYS A 13 0.40 3.54 -4.67
CA CYS A 13 -0.66 4.35 -4.04
C CYS A 13 -0.14 5.63 -3.36
N ARG A 14 -0.95 6.71 -3.40
CA ARG A 14 -0.61 8.08 -2.97
C ARG A 14 -1.50 8.56 -1.82
N GLY A 15 -0.95 9.42 -0.96
CA GLY A 15 -1.56 9.84 0.31
C GLY A 15 -0.97 9.11 1.52
N LYS A 16 -1.81 8.71 2.47
CA LYS A 16 -1.47 7.98 3.70
C LYS A 16 -2.36 6.77 3.96
N VAL A 17 -3.69 6.93 3.91
CA VAL A 17 -4.65 5.87 4.28
C VAL A 17 -4.66 4.75 3.22
N SER A 18 -4.42 5.11 1.95
CA SER A 18 -4.20 4.18 0.84
C SER A 18 -2.98 3.27 1.08
N GLN A 19 -1.82 3.88 1.38
CA GLN A 19 -0.58 3.19 1.72
C GLN A 19 -0.75 2.28 2.95
N ASP A 20 -1.36 2.81 4.02
CA ASP A 20 -1.67 2.11 5.27
C ASP A 20 -2.64 0.92 5.11
N TYR A 21 -3.52 0.95 4.10
CA TYR A 21 -4.39 -0.18 3.75
C TYR A 21 -3.55 -1.30 3.11
N CYS A 22 -2.57 -0.95 2.27
CA CYS A 22 -1.68 -1.93 1.66
C CYS A 22 -0.76 -2.60 2.69
N LEU A 23 -0.36 -1.89 3.76
CA LEU A 23 0.41 -2.51 4.84
C LEU A 23 -0.35 -3.65 5.56
N LYS A 24 -1.68 -3.60 5.59
CA LYS A 24 -2.54 -4.58 6.29
C LYS A 24 -3.24 -5.59 5.37
N ASN A 25 -3.37 -5.29 4.08
CA ASN A 25 -4.19 -6.08 3.15
C ASN A 25 -3.67 -6.12 1.68
N CYS A 26 -2.52 -5.51 1.35
CA CYS A 26 -1.92 -5.39 0.01
C CYS A 26 -2.75 -4.74 -1.13
N ARG A 27 -4.07 -4.56 -0.96
CA ARG A 27 -4.89 -3.60 -1.75
C ARG A 27 -4.64 -2.18 -1.24
N CYS A 28 -5.17 -1.19 -1.95
CA CYS A 28 -5.37 0.17 -1.42
C CYS A 28 -6.86 0.47 -1.22
N ILE A 29 -7.16 1.48 -0.39
CA ILE A 29 -8.53 1.76 0.08
C ILE A 29 -9.46 2.24 -1.06
N ARG A 30 -10.62 1.59 -1.17
CA ARG A 30 -11.75 1.87 -2.08
C ARG A 30 -13.08 1.73 -1.35
N GLY A 1 9.66 -5.79 -6.39
CA GLY A 1 9.05 -6.74 -5.47
C GLY A 1 7.64 -6.30 -5.14
N SER A 2 6.65 -7.17 -5.38
CA SER A 2 5.22 -6.84 -5.25
C SER A 2 4.63 -7.28 -3.91
N GLY A 3 3.48 -6.72 -3.55
CA GLY A 3 2.66 -7.19 -2.43
C GLY A 3 3.03 -6.52 -1.10
N CYS A 4 3.31 -7.33 -0.07
CA CYS A 4 3.45 -6.90 1.32
C CYS A 4 4.81 -6.22 1.63
N MET A 5 5.07 -5.11 0.94
CA MET A 5 6.28 -4.29 1.02
C MET A 5 5.88 -2.79 1.05
N PRO A 6 6.24 -2.01 2.08
CA PRO A 6 5.83 -0.59 2.19
C PRO A 6 6.21 0.26 0.96
N GLU A 7 7.40 0.00 0.37
CA GLU A 7 7.89 0.67 -0.81
C GLU A 7 7.25 0.24 -2.14
N TYR A 8 6.41 -0.80 -2.13
CA TYR A 8 5.46 -1.11 -3.20
C TYR A 8 4.17 -0.31 -2.99
N CYS A 9 3.65 -0.28 -1.76
CA CYS A 9 2.47 0.47 -1.37
C CYS A 9 2.60 1.98 -1.69
N ALA A 10 3.60 2.65 -1.11
CA ALA A 10 3.88 4.06 -1.38
C ALA A 10 4.62 4.30 -2.72
N GLY A 11 4.93 3.24 -3.48
CA GLY A 11 5.42 3.30 -4.86
C GLY A 11 4.32 3.52 -5.90
N GLN A 12 3.07 3.11 -5.62
CA GLN A 12 1.93 3.31 -6.53
C GLN A 12 0.71 4.03 -5.91
N CYS A 13 0.57 4.04 -4.58
CA CYS A 13 -0.61 4.59 -3.88
C CYS A 13 -0.24 5.86 -3.10
N ARG A 14 -1.07 6.90 -3.22
CA ARG A 14 -0.75 8.29 -2.83
C ARG A 14 -1.66 8.75 -1.68
N GLY A 15 -1.12 9.54 -0.75
CA GLY A 15 -1.80 9.95 0.48
C GLY A 15 -1.32 9.17 1.71
N LYS A 16 -2.25 8.84 2.63
CA LYS A 16 -1.99 8.02 3.84
C LYS A 16 -2.93 6.84 3.97
N VAL A 17 -4.24 7.03 3.77
CA VAL A 17 -5.24 5.95 3.93
C VAL A 17 -5.03 4.82 2.92
N SER A 18 -4.68 5.15 1.67
CA SER A 18 -4.35 4.19 0.62
C SER A 18 -3.10 3.37 0.96
N GLN A 19 -2.02 4.04 1.39
CA GLN A 19 -0.79 3.42 1.86
C GLN A 19 -1.04 2.51 3.08
N ASP A 20 -1.70 3.02 4.12
CA ASP A 20 -2.09 2.29 5.34
C ASP A 20 -2.94 1.04 5.07
N TYR A 21 -3.80 1.07 4.04
CA TYR A 21 -4.55 -0.11 3.61
C TYR A 21 -3.61 -1.16 3.03
N CYS A 22 -2.57 -0.76 2.30
CA CYS A 22 -1.58 -1.68 1.76
C CYS A 22 -0.58 -2.16 2.84
N LEU A 23 -0.25 -1.34 3.85
CA LEU A 23 0.55 -1.77 5.00
C LEU A 23 -0.14 -2.89 5.79
N LYS A 24 -1.48 -2.88 5.88
CA LYS A 24 -2.27 -3.96 6.51
C LYS A 24 -2.63 -5.11 5.57
N ASN A 25 -3.07 -4.81 4.35
CA ASN A 25 -3.84 -5.71 3.48
C ASN A 25 -3.13 -6.05 2.14
N CYS A 26 -1.98 -5.42 1.84
CA CYS A 26 -1.16 -5.62 0.63
C CYS A 26 -1.85 -5.31 -0.72
N ARG A 27 -2.91 -4.50 -0.67
CA ARG A 27 -3.70 -3.91 -1.77
C ARG A 27 -3.99 -2.45 -1.43
N CYS A 28 -4.52 -1.62 -2.33
CA CYS A 28 -4.93 -0.25 -1.97
C CYS A 28 -6.46 -0.09 -1.91
N ILE A 29 -6.93 0.69 -0.94
CA ILE A 29 -8.35 0.81 -0.55
C ILE A 29 -9.28 1.11 -1.74
N ARG A 30 -10.41 0.41 -1.85
CA ARG A 30 -11.49 0.72 -2.81
C ARG A 30 -12.59 1.54 -2.17
N GLY A 1 12.53 -4.88 0.95
CA GLY A 1 12.18 -6.18 1.54
C GLY A 1 10.98 -6.77 0.85
N SER A 2 10.85 -8.10 0.86
CA SER A 2 9.82 -8.84 0.11
C SER A 2 8.41 -8.63 0.66
N GLY A 3 7.42 -8.69 -0.24
CA GLY A 3 6.01 -8.50 0.06
C GLY A 3 5.56 -7.03 0.07
N CYS A 4 4.37 -6.80 0.60
CA CYS A 4 3.69 -5.50 0.65
C CYS A 4 4.24 -4.60 1.76
N MET A 5 5.56 -4.36 1.72
CA MET A 5 6.25 -3.37 2.56
C MET A 5 5.91 -1.92 2.12
N PRO A 6 6.12 -0.91 2.98
CA PRO A 6 5.65 0.44 2.69
C PRO A 6 6.19 1.08 1.40
N GLU A 7 7.43 0.80 0.98
CA GLU A 7 7.97 1.30 -0.28
C GLU A 7 7.21 0.77 -1.51
N TYR A 8 6.86 -0.52 -1.50
CA TYR A 8 6.08 -1.16 -2.56
C TYR A 8 4.68 -0.54 -2.64
N CYS A 9 4.02 -0.38 -1.48
CA CYS A 9 2.69 0.21 -1.37
C CYS A 9 2.65 1.70 -1.74
N ALA A 10 3.67 2.47 -1.37
CA ALA A 10 3.78 3.89 -1.71
C ALA A 10 4.27 4.14 -3.16
N GLY A 11 4.68 3.10 -3.88
CA GLY A 11 4.77 3.11 -5.34
C GLY A 11 3.40 2.92 -6.02
N GLN A 12 2.58 1.97 -5.53
CA GLN A 12 1.27 1.64 -6.14
C GLN A 12 0.14 2.62 -5.79
N CYS A 13 0.13 3.18 -4.58
CA CYS A 13 -0.94 4.04 -4.06
C CYS A 13 -0.49 5.50 -3.84
N ARG A 14 -1.44 6.43 -3.81
CA ARG A 14 -1.25 7.84 -3.41
C ARG A 14 -2.11 8.19 -2.20
N GLY A 15 -1.63 9.07 -1.33
CA GLY A 15 -2.20 9.34 0.00
C GLY A 15 -1.42 8.60 1.10
N LYS A 16 -2.05 8.33 2.25
CA LYS A 16 -1.43 7.63 3.39
C LYS A 16 -2.27 6.46 3.90
N VAL A 17 -3.59 6.61 4.01
CA VAL A 17 -4.47 5.49 4.38
C VAL A 17 -4.46 4.40 3.30
N SER A 18 -4.39 4.79 2.02
CA SER A 18 -4.21 3.85 0.89
C SER A 18 -2.93 3.02 1.02
N GLN A 19 -1.82 3.67 1.39
CA GLN A 19 -0.52 3.04 1.64
C GLN A 19 -0.60 2.10 2.86
N ASP A 20 -1.21 2.53 3.97
CA ASP A 20 -1.43 1.72 5.19
C ASP A 20 -2.38 0.52 4.96
N TYR A 21 -3.37 0.66 4.08
CA TYR A 21 -4.29 -0.43 3.69
C TYR A 21 -3.54 -1.51 2.91
N CYS A 22 -2.61 -1.10 2.04
CA CYS A 22 -1.75 -2.01 1.29
C CYS A 22 -0.79 -2.80 2.21
N LEU A 23 -0.34 -2.23 3.35
CA LEU A 23 0.53 -2.95 4.29
C LEU A 23 -0.11 -4.26 4.81
N LYS A 24 -1.44 -4.26 4.94
CA LYS A 24 -2.25 -5.35 5.51
C LYS A 24 -3.00 -6.18 4.46
N ASN A 25 -3.43 -5.57 3.37
CA ASN A 25 -4.35 -6.16 2.37
C ASN A 25 -3.79 -6.16 0.94
N CYS A 26 -2.60 -5.60 0.71
CA CYS A 26 -1.96 -5.45 -0.61
C CYS A 26 -2.77 -4.69 -1.68
N ARG A 27 -3.84 -3.98 -1.29
CA ARG A 27 -4.63 -3.06 -2.13
C ARG A 27 -4.52 -1.62 -1.62
N CYS A 28 -4.83 -0.65 -2.46
CA CYS A 28 -5.19 0.68 -2.01
C CYS A 28 -6.62 0.67 -1.44
N ILE A 29 -6.95 1.62 -0.54
CA ILE A 29 -8.26 1.66 0.11
C ILE A 29 -9.38 2.07 -0.86
N ARG A 30 -10.25 1.11 -1.16
CA ARG A 30 -11.49 1.20 -1.97
C ARG A 30 -12.30 -0.09 -1.85
N GLY A 1 11.93 -4.77 -1.34
CA GLY A 1 12.02 -6.07 -2.02
C GLY A 1 10.67 -6.48 -2.58
N SER A 2 10.34 -7.75 -2.41
CA SER A 2 9.16 -8.44 -2.99
C SER A 2 8.15 -8.82 -1.90
N GLY A 3 7.00 -8.16 -1.89
CA GLY A 3 5.88 -8.33 -0.95
C GLY A 3 5.02 -7.08 -0.81
N CYS A 4 4.09 -7.07 0.15
CA CYS A 4 3.24 -5.92 0.50
C CYS A 4 4.02 -4.94 1.42
N MET A 5 5.19 -4.52 0.93
CA MET A 5 6.20 -3.74 1.63
C MET A 5 5.89 -2.22 1.56
N PRO A 6 6.29 -1.39 2.53
CA PRO A 6 5.83 0.00 2.60
C PRO A 6 6.24 0.85 1.38
N GLU A 7 7.42 0.63 0.81
CA GLU A 7 7.90 1.29 -0.39
C GLU A 7 7.31 0.76 -1.71
N TYR A 8 6.65 -0.41 -1.69
CA TYR A 8 5.78 -0.89 -2.77
C TYR A 8 4.37 -0.29 -2.63
N CYS A 9 3.83 -0.24 -1.40
CA CYS A 9 2.53 0.35 -1.13
C CYS A 9 2.49 1.85 -1.44
N ALA A 10 3.53 2.60 -1.11
CA ALA A 10 3.69 3.99 -1.56
C ALA A 10 4.15 4.14 -3.02
N GLY A 11 4.48 3.03 -3.70
CA GLY A 11 4.68 2.98 -5.16
C GLY A 11 3.37 2.83 -5.95
N GLN A 12 2.36 2.16 -5.37
CA GLN A 12 1.07 1.87 -6.04
C GLN A 12 -0.12 2.69 -5.54
N CYS A 13 -0.05 3.27 -4.33
CA CYS A 13 -1.14 4.01 -3.69
C CYS A 13 -0.72 5.44 -3.37
N ARG A 14 -1.60 6.43 -3.62
CA ARG A 14 -1.36 7.86 -3.38
C ARG A 14 -2.13 8.35 -2.15
N GLY A 15 -1.58 9.29 -1.40
CA GLY A 15 -2.08 9.68 -0.07
C GLY A 15 -1.33 8.97 1.06
N LYS A 16 -2.02 8.60 2.16
CA LYS A 16 -1.41 8.00 3.37
C LYS A 16 -2.25 6.87 3.95
N VAL A 17 -3.58 7.04 4.05
CA VAL A 17 -4.51 5.99 4.49
C VAL A 17 -4.51 4.83 3.49
N SER A 18 -4.40 5.14 2.20
CA SER A 18 -4.27 4.17 1.11
C SER A 18 -3.00 3.32 1.22
N GLN A 19 -1.86 3.94 1.50
CA GLN A 19 -0.56 3.30 1.71
C GLN A 19 -0.63 2.36 2.94
N ASP A 20 -1.16 2.85 4.06
CA ASP A 20 -1.40 2.09 5.29
C ASP A 20 -2.36 0.89 5.10
N TYR A 21 -3.32 1.01 4.17
CA TYR A 21 -4.25 -0.07 3.85
C TYR A 21 -3.52 -1.21 3.14
N CYS A 22 -2.61 -0.88 2.22
CA CYS A 22 -1.78 -1.86 1.51
C CYS A 22 -0.85 -2.64 2.45
N LEU A 23 -0.33 -2.01 3.52
CA LEU A 23 0.53 -2.69 4.51
C LEU A 23 -0.16 -3.92 5.11
N LYS A 24 -1.47 -3.83 5.36
CA LYS A 24 -2.29 -4.88 5.96
C LYS A 24 -2.92 -5.79 4.90
N ASN A 25 -3.62 -5.16 3.95
CA ASN A 25 -4.60 -5.78 3.06
C ASN A 25 -4.08 -6.03 1.62
N CYS A 26 -2.86 -5.63 1.28
CA CYS A 26 -2.26 -5.76 -0.06
C CYS A 26 -3.07 -5.09 -1.19
N ARG A 27 -3.81 -4.02 -0.88
CA ARG A 27 -4.61 -3.19 -1.79
C ARG A 27 -4.46 -1.71 -1.46
N CYS A 28 -4.78 -0.84 -2.41
CA CYS A 28 -5.05 0.56 -2.15
C CYS A 28 -6.51 0.72 -1.70
N ILE A 29 -6.76 1.54 -0.68
CA ILE A 29 -8.11 1.72 -0.10
C ILE A 29 -9.10 2.27 -1.14
N ARG A 30 -10.37 1.85 -1.04
CA ARG A 30 -11.46 2.23 -1.96
C ARG A 30 -12.75 2.63 -1.25
N GLY A 1 13.50 -10.94 -4.54
CA GLY A 1 12.19 -11.33 -5.09
C GLY A 1 11.15 -10.26 -4.85
N SER A 2 9.92 -10.66 -4.52
CA SER A 2 8.78 -9.75 -4.35
C SER A 2 7.91 -10.10 -3.14
N GLY A 3 7.00 -9.19 -2.78
CA GLY A 3 6.05 -9.36 -1.68
C GLY A 3 5.32 -8.06 -1.34
N CYS A 4 4.56 -8.07 -0.25
CA CYS A 4 3.80 -6.92 0.26
C CYS A 4 4.72 -5.92 1.00
N MET A 5 5.68 -5.34 0.26
CA MET A 5 6.69 -4.39 0.74
C MET A 5 6.08 -3.00 1.01
N PRO A 6 6.40 -2.32 2.13
CA PRO A 6 5.96 -0.94 2.37
C PRO A 6 6.36 0.05 1.26
N GLU A 7 7.58 -0.07 0.70
CA GLU A 7 8.02 0.73 -0.44
C GLU A 7 7.16 0.51 -1.70
N TYR A 8 6.69 -0.73 -1.94
CA TYR A 8 5.83 -1.07 -3.07
C TYR A 8 4.38 -0.62 -2.84
N CYS A 9 3.90 -0.59 -1.59
CA CYS A 9 2.63 0.05 -1.24
C CYS A 9 2.65 1.55 -1.55
N ALA A 10 3.73 2.27 -1.24
CA ALA A 10 3.86 3.70 -1.55
C ALA A 10 4.27 4.00 -3.01
N GLY A 11 4.85 3.02 -3.71
CA GLY A 11 5.00 3.06 -5.17
C GLY A 11 3.65 3.04 -5.89
N GLN A 12 2.76 2.12 -5.49
CA GLN A 12 1.42 1.96 -6.07
C GLN A 12 0.43 3.05 -5.64
N CYS A 13 0.22 3.25 -4.33
CA CYS A 13 -0.92 3.98 -3.78
C CYS A 13 -0.55 5.44 -3.41
N ARG A 14 -1.50 6.37 -3.56
CA ARG A 14 -1.28 7.82 -3.35
C ARG A 14 -1.93 8.31 -2.05
N GLY A 15 -1.14 8.94 -1.17
CA GLY A 15 -1.59 9.44 0.13
C GLY A 15 -1.09 8.63 1.33
N LYS A 16 -1.77 8.71 2.47
CA LYS A 16 -1.43 8.04 3.74
C LYS A 16 -2.35 6.86 3.99
N VAL A 17 -3.66 7.08 3.97
CA VAL A 17 -4.66 6.03 4.25
C VAL A 17 -4.60 4.90 3.21
N SER A 18 -4.35 5.22 1.94
CA SER A 18 -4.22 4.23 0.85
C SER A 18 -2.94 3.39 0.96
N GLN A 19 -1.79 4.01 1.24
CA GLN A 19 -0.54 3.32 1.53
C GLN A 19 -0.67 2.44 2.78
N ASP A 20 -1.21 3.00 3.87
CA ASP A 20 -1.50 2.29 5.13
C ASP A 20 -2.51 1.14 4.97
N TYR A 21 -3.43 1.20 4.00
CA TYR A 21 -4.33 0.09 3.67
C TYR A 21 -3.54 -1.09 3.09
N CYS A 22 -2.55 -0.83 2.23
CA CYS A 22 -1.66 -1.85 1.69
C CYS A 22 -0.75 -2.47 2.78
N LEU A 23 -0.39 -1.72 3.84
CA LEU A 23 0.40 -2.25 4.97
C LEU A 23 -0.32 -3.34 5.79
N LYS A 24 -1.65 -3.46 5.64
CA LYS A 24 -2.48 -4.53 6.24
C LYS A 24 -3.07 -5.49 5.21
N ASN A 25 -3.72 -4.95 4.16
CA ASN A 25 -4.54 -5.69 3.19
C ASN A 25 -3.81 -5.98 1.86
N CYS A 26 -2.60 -5.44 1.66
CA CYS A 26 -1.76 -5.61 0.47
C CYS A 26 -2.39 -5.15 -0.86
N ARG A 27 -3.37 -4.24 -0.81
CA ARG A 27 -3.98 -3.52 -1.94
C ARG A 27 -3.98 -2.01 -1.68
N CYS A 28 -4.19 -1.19 -2.70
CA CYS A 28 -4.68 0.18 -2.50
C CYS A 28 -6.17 0.15 -2.08
N ILE A 29 -6.60 1.18 -1.35
CA ILE A 29 -7.92 1.22 -0.69
C ILE A 29 -9.10 1.25 -1.67
N ARG A 30 -9.65 0.08 -1.99
CA ARG A 30 -10.86 -0.12 -2.80
C ARG A 30 -11.83 -1.05 -2.09
#